data_8EV2
#
_entry.id   8EV2
#
_cell.length_a   53.964
_cell.length_b   81.769
_cell.length_c   58.555
_cell.angle_alpha   90.000
_cell.angle_beta   111.040
_cell.angle_gamma   90.000
#
_symmetry.space_group_name_H-M   'P 1 21 1'
#
loop_
_entity.id
_entity.type
_entity.pdbx_description
1 polymer 'Estrogen receptor'
2 polymer 'Nuclear receptor coactivator 2'
3 non-polymer (3~{a}~{R},4~{S},9~{b}~{S})-4-(2-chloranyl-4-oxidanyl-phenyl)-2,3,3~{a},4,5,9~{b}-hexahydro-1~{H}-cyclopenta[c]quinoline-8-sulfonamide
4 non-polymer (3aS,4R,9bR)-4-(2-chloro-4-hydroxyphenyl)-2,3,3a,4,5,9b-hexahydro-1H-cyclopenta[c]quinoline-8-sulfonamide
5 water water
#
loop_
_entity_poly.entity_id
_entity_poly.type
_entity_poly.pdbx_seq_one_letter_code
_entity_poly.pdbx_strand_id
1 'polypeptide(L)'
;IKRSKKNSLALSLTADQMVSALLDAEPPILYSEYDPTRPFSEASMMGLLTNLADRELVHMINWAKRVPGFVDLTLHDQVH
LLECAWLEILMIGLVWRSMEHPGKLLFAPNLLLDRNQGKCVEGMVEIFDMLLATSSRFRMMNLQGEEFVCLKSIILLNSG
VYTFLSSTLKSLEEKDHIHRVLDKITDTLIHLMAKAGLTLQQQHQRLAQLLLILSHIRHMSNKGMEHLYSMKCKNVVPLS
DLLLEMLDAHRLHAPTS
;
A,B
2 'polypeptide(L)' KHKILHRLLQDSS C,D
#
# COMPACT_ATOMS: atom_id res chain seq x y z
N SER A 8 -24.69 -6.37 7.88
CA SER A 8 -26.04 -6.50 7.47
C SER A 8 -26.23 -7.30 6.20
N LEU A 9 -27.03 -6.78 5.25
CA LEU A 9 -27.37 -7.41 3.96
C LEU A 9 -26.13 -8.09 3.35
N ALA A 10 -24.98 -7.41 3.37
CA ALA A 10 -23.78 -7.68 2.54
C ALA A 10 -23.23 -9.08 2.77
N LEU A 11 -23.24 -9.55 4.03
CA LEU A 11 -22.64 -10.86 4.44
C LEU A 11 -23.51 -12.01 3.93
N SER A 12 -24.80 -11.76 3.76
CA SER A 12 -25.74 -12.72 3.24
C SER A 12 -25.46 -13.10 1.80
N LEU A 13 -24.91 -12.18 1.04
CA LEU A 13 -24.92 -12.27 -0.40
C LEU A 13 -24.12 -13.43 -0.92
N THR A 14 -24.56 -13.94 -2.05
CA THR A 14 -23.85 -14.81 -2.95
C THR A 14 -22.65 -14.10 -3.55
N ALA A 15 -21.62 -14.84 -3.92
CA ALA A 15 -20.54 -14.30 -4.69
C ALA A 15 -21.04 -13.71 -5.97
N ASP A 16 -21.90 -14.41 -6.69
CA ASP A 16 -22.45 -13.88 -7.91
C ASP A 16 -23.32 -12.65 -7.69
N GLN A 17 -24.10 -12.66 -6.62
CA GLN A 17 -24.85 -11.50 -6.22
C GLN A 17 -23.98 -10.31 -5.85
N MET A 18 -22.89 -10.56 -5.16
CA MET A 18 -22.03 -9.48 -4.72
C MET A 18 -21.43 -8.76 -5.92
N VAL A 19 -21.02 -9.51 -6.92
CA VAL A 19 -20.50 -8.95 -8.13
C VAL A 19 -21.53 -8.13 -8.90
N SER A 20 -22.76 -8.62 -8.98
CA SER A 20 -23.90 -7.87 -9.58
C SER A 20 -24.16 -6.58 -8.81
N ALA A 21 -24.24 -6.64 -7.49
CA ALA A 21 -24.46 -5.43 -6.66
C ALA A 21 -23.37 -4.39 -6.97
N LEU A 22 -22.12 -4.84 -7.17
CA LEU A 22 -20.94 -3.96 -7.37
C LEU A 22 -20.87 -3.44 -8.82
N LEU A 23 -21.17 -4.28 -9.82
CA LEU A 23 -21.26 -3.87 -11.25
C LEU A 23 -22.34 -2.79 -11.42
N ASP A 24 -23.48 -2.96 -10.76
CA ASP A 24 -24.64 -2.03 -10.85
C ASP A 24 -24.34 -0.70 -10.14
N ALA A 25 -23.43 -0.71 -9.16
CA ALA A 25 -23.03 0.49 -8.38
C ALA A 25 -22.00 1.32 -9.15
N GLU A 26 -21.39 0.78 -10.21
CA GLU A 26 -20.27 1.43 -10.93
C GLU A 26 -20.69 2.84 -11.32
N PRO A 27 -19.90 3.88 -10.97
CA PRO A 27 -20.23 5.23 -11.39
C PRO A 27 -20.08 5.35 -12.90
N PRO A 28 -20.68 6.39 -13.51
CA PRO A 28 -20.50 6.59 -14.95
C PRO A 28 -19.11 7.14 -15.27
N ILE A 29 -18.69 7.01 -16.53
CA ILE A 29 -17.50 7.72 -17.08
C ILE A 29 -17.92 9.15 -17.43
N LEU A 30 -17.24 10.14 -16.85
CA LEU A 30 -17.50 11.58 -17.00
C LEU A 30 -16.63 12.14 -18.12
N TYR A 31 -17.01 13.29 -18.66
CA TYR A 31 -16.27 13.97 -19.74
C TYR A 31 -15.51 15.14 -19.14
N SER A 32 -14.35 15.44 -19.71
CA SER A 32 -13.62 16.71 -19.46
C SER A 32 -14.44 17.86 -20.07
N GLU A 33 -14.22 19.08 -19.58
CA GLU A 33 -14.68 20.31 -20.29
C GLU A 33 -14.06 20.23 -21.69
N TYR A 34 -14.81 20.58 -22.72
CA TYR A 34 -14.32 20.56 -24.14
C TYR A 34 -13.34 21.71 -24.31
N ASP A 35 -13.70 22.91 -23.81
CA ASP A 35 -12.84 24.13 -23.77
C ASP A 35 -12.17 24.21 -22.40
N PRO A 36 -10.81 24.25 -22.31
CA PRO A 36 -9.91 24.23 -23.47
C PRO A 36 -9.87 22.92 -24.29
N THR A 37 -9.86 23.10 -25.62
CA THR A 37 -9.77 22.05 -26.67
C THR A 37 -8.50 22.33 -27.50
N ARG A 38 -7.35 22.41 -26.83
CA ARG A 38 -6.05 22.85 -27.43
C ARG A 38 -4.91 22.00 -26.90
N PRO A 39 -3.66 22.20 -27.43
CA PRO A 39 -2.44 21.88 -26.69
C PRO A 39 -2.40 22.52 -25.28
N PHE A 40 -2.22 21.72 -24.22
CA PHE A 40 -2.46 22.12 -22.81
C PHE A 40 -1.27 22.92 -22.27
N SER A 41 -1.58 23.98 -21.53
CA SER A 41 -0.66 24.73 -20.64
C SER A 41 -0.74 24.11 -19.25
N GLU A 42 0.21 24.40 -18.37
CA GLU A 42 0.20 23.95 -16.95
C GLU A 42 -1.14 24.35 -16.33
N ALA A 43 -1.47 25.65 -16.34
CA ALA A 43 -2.67 26.21 -15.68
C ALA A 43 -3.95 25.57 -16.22
N SER A 44 -4.04 25.33 -17.54
CA SER A 44 -5.24 24.81 -18.25
C SER A 44 -5.42 23.31 -17.94
N MET A 45 -4.35 22.53 -18.05
CA MET A 45 -4.25 21.09 -17.67
C MET A 45 -4.67 20.90 -16.20
N MET A 46 -4.11 21.69 -15.30
CA MET A 46 -4.47 21.70 -13.86
C MET A 46 -5.98 21.99 -13.73
N GLY A 47 -6.48 22.99 -14.45
CA GLY A 47 -7.90 23.39 -14.45
C GLY A 47 -8.80 22.22 -14.80
N LEU A 48 -8.48 21.54 -15.90
CA LEU A 48 -9.29 20.42 -16.42
C LEU A 48 -9.33 19.28 -15.40
N LEU A 49 -8.18 18.95 -14.82
CA LEU A 49 -8.03 17.78 -13.92
C LEU A 49 -8.76 18.07 -12.61
N THR A 50 -8.66 19.29 -12.09
CA THR A 50 -9.34 19.74 -10.84
C THR A 50 -10.86 19.64 -11.02
N ASN A 51 -11.37 20.20 -12.11
CA ASN A 51 -12.82 20.17 -12.46
C ASN A 51 -13.28 18.71 -12.54
N LEU A 52 -12.53 17.88 -13.26
CA LEU A 52 -12.90 16.46 -13.49
C LEU A 52 -12.87 15.70 -12.15
N ALA A 53 -11.79 15.82 -11.38
CA ALA A 53 -11.66 15.10 -10.10
C ALA A 53 -12.83 15.47 -9.17
N ASP A 54 -13.19 16.76 -9.13
CA ASP A 54 -14.26 17.29 -8.26
C ASP A 54 -15.61 16.64 -8.62
N ARG A 55 -15.90 16.51 -9.91
CA ARG A 55 -17.14 15.84 -10.38
C ARG A 55 -17.03 14.32 -10.14
N GLU A 56 -15.89 13.70 -10.31
CA GLU A 56 -15.71 12.27 -10.05
C GLU A 56 -15.94 11.96 -8.57
N LEU A 57 -15.48 12.82 -7.71
CA LEU A 57 -15.60 12.67 -6.24
C LEU A 57 -17.08 12.60 -5.86
N VAL A 58 -17.94 13.38 -6.50
CA VAL A 58 -19.39 13.40 -6.14
C VAL A 58 -19.98 12.02 -6.49
N HIS A 59 -19.58 11.43 -7.62
CA HIS A 59 -20.10 10.12 -8.08
C HIS A 59 -19.52 9.01 -7.19
N MET A 60 -18.28 9.18 -6.73
CA MET A 60 -17.62 8.18 -5.86
C MET A 60 -18.36 8.10 -4.53
N ILE A 61 -18.68 9.24 -3.95
CA ILE A 61 -19.43 9.28 -2.67
C ILE A 61 -20.73 8.50 -2.83
N ASN A 62 -21.42 8.61 -3.98
CA ASN A 62 -22.73 7.95 -4.22
C ASN A 62 -22.50 6.47 -4.56
N TRP A 63 -21.45 6.11 -5.30
CA TRP A 63 -21.01 4.70 -5.47
C TRP A 63 -20.77 3.99 -4.12
N ALA A 64 -20.05 4.62 -3.20
CA ALA A 64 -19.67 4.03 -1.89
C ALA A 64 -20.93 3.60 -1.13
N LYS A 65 -22.00 4.40 -1.24
CA LYS A 65 -23.30 4.13 -0.58
C LYS A 65 -23.94 2.87 -1.17
N ARG A 66 -23.61 2.50 -2.41
CA ARG A 66 -24.15 1.31 -3.12
C ARG A 66 -23.24 0.09 -2.90
N VAL A 67 -22.11 0.22 -2.20
CA VAL A 67 -21.18 -0.90 -1.88
C VAL A 67 -21.78 -1.66 -0.69
N PRO A 68 -22.27 -2.89 -0.89
CA PRO A 68 -22.91 -3.64 0.20
C PRO A 68 -22.01 -3.62 1.45
N GLY A 69 -22.56 -3.21 2.59
CA GLY A 69 -21.88 -3.16 3.91
C GLY A 69 -21.49 -1.76 4.33
N PHE A 70 -21.21 -0.88 3.37
CA PHE A 70 -20.75 0.51 3.62
C PHE A 70 -21.81 1.34 4.35
N VAL A 71 -23.08 1.26 3.97
CA VAL A 71 -24.14 2.09 4.63
C VAL A 71 -24.43 1.58 6.05
N ASP A 72 -24.07 0.33 6.36
CA ASP A 72 -24.21 -0.25 7.73
C ASP A 72 -23.29 0.49 8.72
N LEU A 73 -22.21 1.11 8.24
CA LEU A 73 -21.23 1.85 9.10
C LEU A 73 -21.86 3.17 9.57
N THR A 74 -21.39 3.71 10.70
CA THR A 74 -21.72 5.08 11.19
C THR A 74 -21.17 6.09 10.18
N LEU A 75 -21.76 7.29 10.14
CA LEU A 75 -21.33 8.41 9.28
C LEU A 75 -19.85 8.70 9.53
N HIS A 76 -19.43 8.74 10.80
CA HIS A 76 -18.02 8.99 11.22
C HIS A 76 -17.09 8.04 10.47
N ASP A 77 -17.46 6.75 10.39
CA ASP A 77 -16.62 5.67 9.81
C ASP A 77 -16.65 5.75 8.29
N GLN A 78 -17.79 6.11 7.71
CA GLN A 78 -17.93 6.25 6.24
C GLN A 78 -17.02 7.39 5.78
N VAL A 79 -17.04 8.51 6.51
CA VAL A 79 -16.21 9.73 6.27
C VAL A 79 -14.73 9.32 6.31
N HIS A 80 -14.35 8.64 7.39
CA HIS A 80 -12.95 8.20 7.64
C HIS A 80 -12.46 7.37 6.44
N LEU A 81 -13.26 6.38 6.03
CA LEU A 81 -12.85 5.44 4.95
C LEU A 81 -12.67 6.23 3.65
N LEU A 82 -13.56 7.18 3.39
CA LEU A 82 -13.59 7.97 2.14
C LEU A 82 -12.43 8.97 2.15
N GLU A 83 -12.20 9.65 3.27
CA GLU A 83 -11.04 10.56 3.42
C GLU A 83 -9.74 9.78 3.21
N CYS A 84 -9.64 8.56 3.73
CA CYS A 84 -8.44 7.70 3.58
C CYS A 84 -8.26 7.23 2.13
N ALA A 85 -9.34 6.86 1.42
CA ALA A 85 -9.25 6.05 0.19
C ALA A 85 -9.53 6.85 -1.10
N TRP A 86 -10.00 8.10 -1.04
CA TRP A 86 -10.60 8.74 -2.23
C TRP A 86 -9.60 8.78 -3.42
N LEU A 87 -8.32 9.06 -3.20
CA LEU A 87 -7.39 9.23 -4.34
C LEU A 87 -6.98 7.85 -4.85
N GLU A 88 -6.87 6.85 -3.97
CA GLU A 88 -6.65 5.44 -4.40
C GLU A 88 -7.78 5.01 -5.33
N ILE A 89 -9.03 5.35 -4.99
CA ILE A 89 -10.25 5.00 -5.76
C ILE A 89 -10.22 5.72 -7.12
N LEU A 90 -9.94 7.03 -7.15
CA LEU A 90 -9.84 7.75 -8.43
C LEU A 90 -8.78 7.07 -9.28
N MET A 91 -7.67 6.65 -8.66
CA MET A 91 -6.48 6.17 -9.41
C MET A 91 -6.73 4.78 -10.00
N ILE A 92 -7.38 3.88 -9.26
CA ILE A 92 -7.67 2.52 -9.77
C ILE A 92 -8.73 2.63 -10.87
N GLY A 93 -9.65 3.60 -10.78
CA GLY A 93 -10.62 3.86 -11.83
C GLY A 93 -9.91 4.31 -13.08
N LEU A 94 -9.01 5.28 -12.93
CA LEU A 94 -8.25 5.86 -14.05
C LEU A 94 -7.48 4.73 -14.75
N VAL A 95 -6.83 3.89 -13.95
CA VAL A 95 -5.96 2.79 -14.43
C VAL A 95 -6.81 1.78 -15.22
N TRP A 96 -7.98 1.43 -14.69
CA TRP A 96 -8.94 0.51 -15.33
C TRP A 96 -9.39 1.06 -16.69
N ARG A 97 -9.90 2.30 -16.73
CA ARG A 97 -10.35 2.99 -17.98
C ARG A 97 -9.22 3.02 -19.01
N SER A 98 -7.97 3.09 -18.55
CA SER A 98 -6.78 3.27 -19.42
C SER A 98 -6.27 1.93 -19.95
N MET A 99 -6.84 0.80 -19.54
CA MET A 99 -6.47 -0.59 -19.96
C MET A 99 -6.30 -0.66 -21.48
N GLU A 100 -7.34 -0.23 -22.21
CA GLU A 100 -7.51 -0.37 -23.69
C GLU A 100 -6.69 0.70 -24.44
N HIS A 101 -5.97 1.56 -23.72
CA HIS A 101 -5.10 2.62 -24.32
C HIS A 101 -3.71 2.50 -23.72
N PRO A 102 -2.94 1.45 -24.09
CA PRO A 102 -1.57 1.26 -23.60
C PRO A 102 -0.73 2.51 -23.89
N GLY A 103 0.03 2.97 -22.89
CA GLY A 103 0.92 4.13 -22.99
C GLY A 103 0.19 5.46 -22.79
N LYS A 104 -1.12 5.41 -22.51
CA LYS A 104 -1.98 6.61 -22.34
C LYS A 104 -2.90 6.45 -21.12
N LEU A 105 -3.34 7.57 -20.57
CA LEU A 105 -4.26 7.63 -19.41
C LEU A 105 -5.58 8.29 -19.85
N LEU A 106 -6.69 7.52 -19.81
CA LEU A 106 -8.05 8.00 -20.18
C LEU A 106 -8.69 8.67 -18.97
N PHE A 107 -8.33 9.92 -18.69
CA PHE A 107 -8.98 10.73 -17.63
C PHE A 107 -10.48 10.85 -17.94
N ALA A 108 -10.78 11.13 -19.21
CA ALA A 108 -12.13 11.09 -19.80
C ALA A 108 -12.02 10.67 -21.26
N PRO A 109 -13.13 10.26 -21.90
CA PRO A 109 -13.07 9.90 -23.32
C PRO A 109 -12.49 11.02 -24.20
N ASN A 110 -12.68 12.28 -23.81
CA ASN A 110 -12.22 13.48 -24.54
C ASN A 110 -10.96 14.03 -23.87
N LEU A 111 -10.36 13.29 -22.92
CA LEU A 111 -9.08 13.66 -22.24
C LEU A 111 -8.22 12.40 -22.03
N LEU A 112 -7.59 11.95 -23.11
CA LEU A 112 -6.68 10.79 -23.15
C LEU A 112 -5.27 11.35 -23.31
N LEU A 113 -4.44 11.22 -22.27
CA LEU A 113 -3.13 11.90 -22.15
C LEU A 113 -1.99 10.89 -22.31
N ASP A 114 -0.99 11.25 -23.11
CA ASP A 114 0.27 10.48 -23.27
C ASP A 114 1.24 10.90 -22.16
N ARG A 115 2.28 10.10 -21.93
CA ARG A 115 3.38 10.38 -20.97
C ARG A 115 3.90 11.82 -21.09
N ASN A 116 4.20 12.27 -22.31
CA ASN A 116 4.84 13.60 -22.53
C ASN A 116 3.89 14.75 -22.15
N GLN A 117 2.58 14.55 -22.20
CA GLN A 117 1.57 15.55 -21.75
C GLN A 117 1.62 15.64 -20.22
N GLY A 118 2.00 14.56 -19.55
CA GLY A 118 2.37 14.54 -18.12
C GLY A 118 3.33 15.66 -17.74
N LYS A 119 4.26 16.06 -18.63
CA LYS A 119 5.33 17.05 -18.33
C LYS A 119 4.76 18.48 -18.21
N CYS A 120 3.53 18.70 -18.69
CA CYS A 120 2.84 20.01 -18.74
C CYS A 120 2.71 20.59 -17.33
N VAL A 121 2.57 19.71 -16.33
CA VAL A 121 2.58 20.05 -14.88
C VAL A 121 3.86 19.45 -14.26
N GLU A 122 4.51 20.21 -13.39
CA GLU A 122 5.79 19.80 -12.76
C GLU A 122 5.50 18.79 -11.65
N GLY A 123 6.21 17.65 -11.67
CA GLY A 123 6.08 16.58 -10.66
C GLY A 123 5.00 15.57 -11.02
N MET A 124 4.34 15.73 -12.18
CA MET A 124 3.20 14.87 -12.57
C MET A 124 3.68 13.63 -13.33
N VAL A 125 4.74 13.76 -14.14
CA VAL A 125 5.28 12.66 -15.00
C VAL A 125 5.63 11.45 -14.12
N GLU A 126 6.16 11.68 -12.93
CA GLU A 126 6.54 10.61 -11.97
C GLU A 126 5.29 9.77 -11.66
N ILE A 127 4.18 10.43 -11.35
CA ILE A 127 2.91 9.75 -10.97
C ILE A 127 2.28 9.10 -12.22
N PHE A 128 2.25 9.82 -13.35
CA PHE A 128 1.85 9.29 -14.67
C PHE A 128 2.53 7.93 -14.89
N ASP A 129 3.87 7.91 -14.80
CA ASP A 129 4.71 6.71 -15.07
C ASP A 129 4.26 5.56 -14.16
N MET A 130 4.03 5.84 -12.88
CA MET A 130 3.54 4.84 -11.91
C MET A 130 2.17 4.34 -12.37
N LEU A 131 1.28 5.25 -12.80
CA LEU A 131 -0.09 4.89 -13.23
C LEU A 131 -0.04 4.05 -14.50
N LEU A 132 0.83 4.41 -15.46
CA LEU A 132 1.05 3.64 -16.71
C LEU A 132 1.55 2.23 -16.38
N ALA A 133 2.46 2.11 -15.42
CA ALA A 133 3.06 0.82 -14.98
C ALA A 133 1.95 -0.08 -14.43
N THR A 134 1.02 0.51 -13.70
CA THR A 134 -0.12 -0.21 -13.07
C THR A 134 -1.08 -0.66 -14.16
N SER A 135 -1.34 0.20 -15.14
CA SER A 135 -2.14 -0.17 -16.34
C SER A 135 -1.48 -1.34 -17.07
N SER A 136 -0.17 -1.30 -17.28
CA SER A 136 0.61 -2.42 -17.92
C SER A 136 0.43 -3.70 -17.12
N ARG A 137 0.53 -3.63 -15.80
CA ARG A 137 0.35 -4.79 -14.95
C ARG A 137 -1.02 -5.41 -14.99
N PHE A 138 -2.06 -4.60 -14.97
CA PHE A 138 -3.47 -5.06 -15.11
C PHE A 138 -3.66 -5.76 -16.46
N ARG A 139 -3.13 -5.21 -17.53
CA ARG A 139 -3.22 -5.87 -18.82
C ARG A 139 -2.48 -7.21 -18.91
N MET A 140 -1.26 -7.24 -18.39
CA MET A 140 -0.45 -8.49 -18.32
C MET A 140 -1.22 -9.59 -17.59
N MET A 141 -1.92 -9.24 -16.51
CA MET A 141 -2.72 -10.17 -15.67
C MET A 141 -4.07 -10.47 -16.33
N ASN A 142 -4.46 -9.69 -17.34
CA ASN A 142 -5.80 -9.80 -17.97
C ASN A 142 -6.85 -9.53 -16.88
N LEU A 143 -6.67 -8.47 -16.09
CA LEU A 143 -7.67 -8.10 -15.05
C LEU A 143 -9.05 -8.05 -15.70
N GLN A 144 -10.06 -8.68 -15.07
CA GLN A 144 -11.46 -8.65 -15.53
C GLN A 144 -12.24 -7.57 -14.76
N GLY A 145 -13.29 -7.03 -15.38
CA GLY A 145 -14.23 -6.04 -14.79
C GLY A 145 -14.76 -6.48 -13.44
N GLU A 146 -15.09 -7.76 -13.29
CA GLU A 146 -15.64 -8.35 -12.05
C GLU A 146 -14.57 -8.27 -10.93
N GLU A 147 -13.29 -8.46 -11.28
CA GLU A 147 -12.18 -8.42 -10.29
C GLU A 147 -11.95 -6.97 -9.90
N PHE A 148 -11.94 -6.09 -10.90
CA PHE A 148 -11.72 -4.64 -10.71
C PHE A 148 -12.70 -4.08 -9.67
N VAL A 149 -13.99 -4.38 -9.78
CA VAL A 149 -15.02 -3.82 -8.85
C VAL A 149 -14.77 -4.36 -7.44
N CYS A 150 -14.32 -5.62 -7.33
CA CYS A 150 -13.92 -6.22 -6.03
C CYS A 150 -12.75 -5.44 -5.43
N LEU A 151 -11.70 -5.19 -6.22
CA LEU A 151 -10.48 -4.46 -5.77
C LEU A 151 -10.85 -3.05 -5.30
N LYS A 152 -11.70 -2.35 -6.05
CA LYS A 152 -12.11 -0.96 -5.69
C LYS A 152 -12.82 -0.92 -4.32
N SER A 153 -13.72 -1.86 -4.03
CA SER A 153 -14.44 -1.99 -2.73
C SER A 153 -13.47 -2.36 -1.61
N ILE A 154 -12.48 -3.19 -1.88
CA ILE A 154 -11.42 -3.57 -0.91
C ILE A 154 -10.65 -2.31 -0.51
N ILE A 155 -10.32 -1.45 -1.48
CA ILE A 155 -9.56 -0.20 -1.17
C ILE A 155 -10.40 0.66 -0.22
N LEU A 156 -11.70 0.80 -0.50
CA LEU A 156 -12.61 1.64 0.30
C LEU A 156 -12.65 1.11 1.74
N LEU A 157 -12.81 -0.20 1.93
CA LEU A 157 -13.03 -0.79 3.28
C LEU A 157 -11.69 -0.97 4.00
N ASN A 158 -10.61 -1.15 3.25
CA ASN A 158 -9.28 -1.51 3.82
C ASN A 158 -8.47 -0.28 4.21
N SER A 159 -8.51 0.79 3.44
CA SER A 159 -7.44 1.81 3.44
C SER A 159 -7.43 2.58 4.78
N GLY A 160 -8.58 2.76 5.43
CA GLY A 160 -8.64 3.48 6.71
C GLY A 160 -8.98 2.61 7.90
N VAL A 161 -9.09 1.30 7.73
CA VAL A 161 -9.58 0.37 8.80
C VAL A 161 -8.59 0.33 9.97
N TYR A 162 -7.29 0.54 9.72
CA TYR A 162 -6.21 0.43 10.73
C TYR A 162 -6.10 1.73 11.53
N THR A 163 -6.62 2.84 10.99
CA THR A 163 -6.36 4.24 11.44
C THR A 163 -7.53 4.78 12.26
N PHE A 164 -8.37 3.91 12.86
CA PHE A 164 -9.54 4.32 13.70
C PHE A 164 -9.04 4.76 15.09
N LYS A 175 -14.76 -2.24 13.12
CA LYS A 175 -13.61 -2.95 12.47
C LYS A 175 -14.03 -4.38 12.15
N ASP A 176 -14.67 -5.08 13.10
CA ASP A 176 -15.06 -6.51 12.95
C ASP A 176 -15.94 -6.65 11.71
N HIS A 177 -16.94 -5.79 11.56
CA HIS A 177 -17.89 -5.82 10.43
C HIS A 177 -17.14 -5.58 9.10
N ILE A 178 -16.32 -4.54 9.05
CA ILE A 178 -15.48 -4.18 7.87
C ILE A 178 -14.60 -5.37 7.49
N HIS A 179 -14.00 -6.04 8.47
CA HIS A 179 -13.15 -7.25 8.24
C HIS A 179 -14.01 -8.39 7.70
N ARG A 180 -15.24 -8.53 8.17
CA ARG A 180 -16.18 -9.57 7.68
C ARG A 180 -16.58 -9.30 6.21
N VAL A 181 -16.77 -8.03 5.83
CA VAL A 181 -17.15 -7.68 4.44
C VAL A 181 -15.93 -7.90 3.54
N LEU A 182 -14.74 -7.53 4.01
CA LEU A 182 -13.46 -7.76 3.30
C LEU A 182 -13.31 -9.25 3.03
N ASP A 183 -13.58 -10.09 4.03
CA ASP A 183 -13.56 -11.58 3.90
C ASP A 183 -14.55 -11.99 2.79
N LYS A 184 -15.72 -11.36 2.72
CA LYS A 184 -16.77 -11.71 1.72
C LYS A 184 -16.27 -11.34 0.31
N ILE A 185 -15.58 -10.20 0.18
CA ILE A 185 -15.08 -9.76 -1.15
C ILE A 185 -13.94 -10.69 -1.57
N THR A 186 -13.13 -11.15 -0.61
CA THR A 186 -12.09 -12.19 -0.87
C THR A 186 -12.76 -13.45 -1.44
N ASP A 187 -13.83 -13.92 -0.78
CA ASP A 187 -14.63 -15.11 -1.21
C ASP A 187 -15.06 -14.89 -2.67
N THR A 188 -15.50 -13.67 -3.00
CA THR A 188 -16.06 -13.31 -4.32
C THR A 188 -14.96 -13.38 -5.39
N LEU A 189 -13.78 -12.83 -5.10
CA LEU A 189 -12.60 -12.89 -6.02
C LEU A 189 -12.23 -14.34 -6.30
N ILE A 190 -12.11 -15.17 -5.26
CA ILE A 190 -11.81 -16.62 -5.40
C ILE A 190 -12.93 -17.27 -6.22
N HIS A 191 -14.18 -17.00 -5.86
CA HIS A 191 -15.36 -17.48 -6.63
C HIS A 191 -15.13 -17.20 -8.11
N LEU A 192 -14.81 -15.96 -8.47
CA LEU A 192 -14.68 -15.53 -9.89
C LEU A 192 -13.56 -16.34 -10.56
N MET A 193 -12.44 -16.53 -9.88
CA MET A 193 -11.25 -17.23 -10.45
C MET A 193 -11.52 -18.74 -10.58
N ALA A 194 -12.30 -19.31 -9.66
CA ALA A 194 -12.79 -20.71 -9.72
C ALA A 194 -13.61 -20.93 -11.00
N LYS A 195 -14.44 -19.95 -11.39
CA LYS A 195 -15.37 -20.05 -12.55
C LYS A 195 -14.63 -19.85 -13.87
N ALA A 196 -13.54 -19.06 -13.89
CA ALA A 196 -12.64 -18.95 -15.05
C ALA A 196 -11.81 -20.25 -15.22
N GLY A 197 -11.90 -21.20 -14.27
CA GLY A 197 -11.23 -22.52 -14.32
C GLY A 197 -9.76 -22.47 -13.89
N LEU A 198 -9.36 -21.47 -13.10
CA LEU A 198 -8.03 -21.45 -12.44
C LEU A 198 -8.01 -22.45 -11.25
N THR A 199 -6.90 -23.26 -11.27
CA THR A 199 -6.62 -24.31 -10.25
C THR A 199 -6.60 -23.62 -8.88
N LEU A 200 -6.69 -24.38 -7.79
CA LEU A 200 -6.62 -23.82 -6.42
C LEU A 200 -5.32 -23.03 -6.28
N GLN A 201 -4.21 -23.61 -6.74
CA GLN A 201 -2.87 -22.96 -6.67
C GLN A 201 -2.92 -21.61 -7.41
N GLN A 202 -3.52 -21.59 -8.59
CA GLN A 202 -3.58 -20.40 -9.48
C GLN A 202 -4.45 -19.33 -8.84
N GLN A 203 -5.54 -19.75 -8.19
CA GLN A 203 -6.51 -18.85 -7.52
C GLN A 203 -5.79 -18.12 -6.38
N HIS A 204 -5.03 -18.82 -5.54
CA HIS A 204 -4.38 -18.14 -4.39
C HIS A 204 -3.19 -17.31 -4.90
N GLN A 205 -2.50 -17.77 -5.95
CA GLN A 205 -1.43 -16.98 -6.62
C GLN A 205 -1.99 -15.68 -7.19
N ARG A 206 -3.07 -15.75 -7.96
CA ARG A 206 -3.71 -14.55 -8.58
C ARG A 206 -4.26 -13.62 -7.48
N LEU A 207 -4.93 -14.18 -6.45
CA LEU A 207 -5.46 -13.39 -5.31
C LEU A 207 -4.31 -12.56 -4.70
N ALA A 208 -3.14 -13.17 -4.49
CA ALA A 208 -1.93 -12.49 -3.97
C ALA A 208 -1.47 -11.40 -4.94
N GLN A 209 -1.31 -11.72 -6.21
CA GLN A 209 -0.80 -10.75 -7.23
C GLN A 209 -1.72 -9.52 -7.22
N LEU A 210 -3.04 -9.73 -7.08
CA LEU A 210 -4.03 -8.65 -7.17
C LEU A 210 -3.88 -7.76 -5.95
N LEU A 211 -3.77 -8.37 -4.77
CA LEU A 211 -3.74 -7.62 -3.49
C LEU A 211 -2.37 -6.92 -3.33
N LEU A 212 -1.30 -7.50 -3.89
CA LEU A 212 0.01 -6.84 -3.87
C LEU A 212 -0.01 -5.54 -4.69
N ILE A 213 -0.84 -5.44 -5.74
CA ILE A 213 -1.01 -4.19 -6.54
C ILE A 213 -1.54 -3.07 -5.64
N LEU A 214 -2.42 -3.38 -4.68
CA LEU A 214 -3.06 -2.37 -3.81
C LEU A 214 -2.01 -1.62 -3.00
N SER A 215 -0.89 -2.28 -2.66
N SER A 215 -0.89 -2.28 -2.66
CA SER A 215 0.31 -1.67 -2.03
CA SER A 215 0.28 -1.65 -2.03
C SER A 215 0.90 -0.60 -2.96
C SER A 215 0.90 -0.60 -2.96
N HIS A 216 1.00 -0.89 -4.26
CA HIS A 216 1.50 0.09 -5.25
C HIS A 216 0.50 1.26 -5.37
N ILE A 217 -0.80 0.96 -5.37
CA ILE A 217 -1.86 2.01 -5.48
C ILE A 217 -1.79 2.90 -4.24
N ARG A 218 -1.52 2.34 -3.05
CA ARG A 218 -1.35 3.15 -1.82
C ARG A 218 -0.17 4.11 -2.01
N HIS A 219 0.94 3.61 -2.53
CA HIS A 219 2.17 4.37 -2.82
C HIS A 219 1.83 5.53 -3.76
N MET A 220 1.19 5.24 -4.87
CA MET A 220 0.81 6.29 -5.86
C MET A 220 -0.08 7.34 -5.21
N SER A 221 -1.03 6.94 -4.36
CA SER A 221 -1.95 7.85 -3.63
C SER A 221 -1.15 8.81 -2.77
N ASN A 222 -0.18 8.29 -2.01
CA ASN A 222 0.67 9.10 -1.11
C ASN A 222 1.51 10.08 -1.95
N LYS A 223 2.04 9.65 -3.09
CA LYS A 223 2.82 10.51 -4.01
C LYS A 223 1.91 11.58 -4.58
N GLY A 224 0.70 11.20 -5.00
CA GLY A 224 -0.27 12.13 -5.61
C GLY A 224 -0.75 13.16 -4.62
N MET A 225 -0.92 12.72 -3.37
CA MET A 225 -1.35 13.58 -2.23
C MET A 225 -0.29 14.65 -1.97
N GLU A 226 1.00 14.28 -1.97
CA GLU A 226 2.15 15.22 -1.81
C GLU A 226 2.14 16.20 -2.98
N HIS A 227 1.84 15.69 -4.18
CA HIS A 227 1.77 16.49 -5.42
C HIS A 227 0.66 17.56 -5.25
N LEU A 228 -0.51 17.17 -4.75
CA LEU A 228 -1.69 18.06 -4.56
C LEU A 228 -1.40 19.11 -3.47
N TYR A 229 -0.72 18.74 -2.39
CA TYR A 229 -0.27 19.71 -1.34
C TYR A 229 0.71 20.73 -1.96
N SER A 230 1.59 20.30 -2.86
CA SER A 230 2.62 21.16 -3.52
C SER A 230 1.94 22.23 -4.37
N MET A 231 0.76 21.93 -4.92
CA MET A 231 -0.12 22.93 -5.50
C MET A 231 -1.04 23.64 -4.50
N LYS A 232 -1.00 24.94 -4.52
CA LYS A 232 -0.47 25.67 -3.38
C LYS A 232 0.61 24.86 -2.73
N LYS A 234 2.33 26.63 -4.69
CA LYS A 234 2.25 27.22 -6.06
C LYS A 234 1.03 28.14 -6.15
N ASN A 235 -0.14 27.60 -5.88
CA ASN A 235 -1.41 28.26 -6.04
C ASN A 235 -1.73 28.79 -7.42
N VAL A 236 -1.32 28.09 -8.47
CA VAL A 236 -1.77 28.51 -9.78
C VAL A 236 -3.29 28.42 -9.91
N VAL A 237 -3.85 27.28 -9.57
CA VAL A 237 -5.25 27.02 -9.81
C VAL A 237 -5.84 26.76 -8.48
N PRO A 238 -6.98 27.35 -8.22
CA PRO A 238 -7.64 26.98 -6.98
C PRO A 238 -8.26 25.58 -7.08
N LEU A 239 -8.06 24.78 -6.06
CA LEU A 239 -8.75 23.48 -5.92
C LEU A 239 -10.18 23.75 -5.44
N SER A 240 -11.15 22.91 -5.83
CA SER A 240 -12.55 22.97 -5.36
C SER A 240 -12.56 22.81 -3.83
N ASP A 241 -13.65 23.23 -3.20
CA ASP A 241 -13.90 23.09 -1.75
C ASP A 241 -13.87 21.60 -1.36
N LEU A 242 -14.37 20.71 -2.21
CA LEU A 242 -14.49 19.26 -1.89
C LEU A 242 -13.10 18.63 -1.88
N LEU A 243 -12.28 18.92 -2.90
CA LEU A 243 -10.90 18.41 -3.02
C LEU A 243 -10.07 18.86 -1.80
N LEU A 244 -10.20 20.13 -1.42
CA LEU A 244 -9.47 20.71 -0.26
C LEU A 244 -9.89 20.00 1.03
N GLU A 245 -11.19 19.82 1.22
CA GLU A 245 -11.73 19.05 2.39
C GLU A 245 -11.03 17.68 2.45
N MET A 246 -11.00 16.95 1.33
CA MET A 246 -10.47 15.56 1.23
C MET A 246 -8.96 15.58 1.42
N LEU A 247 -8.27 16.56 0.83
CA LEU A 247 -6.80 16.75 0.92
C LEU A 247 -6.41 17.03 2.38
N ASP A 248 -7.17 17.87 3.09
CA ASP A 248 -6.87 18.30 4.48
C ASP A 248 -7.11 17.16 5.49
N ALA A 249 -7.84 16.11 5.13
CA ALA A 249 -8.03 14.91 6.00
C ALA A 249 -6.76 14.05 6.03
N HIS A 250 -5.76 14.36 5.21
CA HIS A 250 -4.48 13.62 5.07
C HIS A 250 -3.28 14.37 5.70
N ARG A 251 -3.50 15.54 6.31
CA ARG A 251 -2.45 16.34 7.01
C ARG A 251 -2.60 16.16 8.52
N LEU B 9 19.08 -21.80 -6.20
CA LEU B 9 17.92 -21.52 -7.11
C LEU B 9 16.63 -21.56 -6.28
N ALA B 10 16.05 -20.38 -6.04
CA ALA B 10 14.85 -20.13 -5.19
C ALA B 10 13.64 -20.95 -5.67
N LEU B 11 13.52 -21.13 -7.00
CA LEU B 11 12.44 -21.87 -7.69
C LEU B 11 12.45 -23.36 -7.29
N SER B 12 13.62 -23.91 -6.94
CA SER B 12 13.82 -25.35 -6.65
C SER B 12 13.29 -25.69 -5.25
N LEU B 13 13.22 -24.72 -4.34
CA LEU B 13 12.97 -24.98 -2.89
C LEU B 13 11.56 -25.52 -2.69
N THR B 14 11.38 -26.35 -1.70
CA THR B 14 10.12 -26.73 -1.08
C THR B 14 9.52 -25.67 -0.19
N ALA B 15 8.25 -25.83 0.15
CA ALA B 15 7.58 -24.89 1.08
C ALA B 15 8.37 -24.86 2.39
N ASP B 16 8.65 -26.04 2.95
CA ASP B 16 9.33 -26.24 4.25
C ASP B 16 10.77 -25.71 4.14
N GLN B 17 11.44 -25.93 3.00
CA GLN B 17 12.81 -25.43 2.75
C GLN B 17 12.80 -23.90 2.60
N MET B 18 11.80 -23.34 1.94
CA MET B 18 11.67 -21.87 1.78
C MET B 18 11.59 -21.24 3.17
N VAL B 19 10.77 -21.79 4.06
CA VAL B 19 10.53 -21.32 5.46
C VAL B 19 11.86 -21.37 6.22
N SER B 20 12.57 -22.50 6.15
CA SER B 20 13.90 -22.72 6.77
C SER B 20 14.90 -21.68 6.27
N ALA B 21 15.01 -21.52 4.95
CA ALA B 21 15.94 -20.53 4.34
C ALA B 21 15.68 -19.15 4.96
N LEU B 22 14.41 -18.80 5.16
CA LEU B 22 13.98 -17.44 5.61
C LEU B 22 14.15 -17.27 7.13
N LEU B 23 13.79 -18.28 7.91
CA LEU B 23 14.00 -18.29 9.39
C LEU B 23 15.50 -18.17 9.71
N ASP B 24 16.34 -18.87 8.96
CA ASP B 24 17.80 -18.89 9.18
C ASP B 24 18.44 -17.57 8.77
N ALA B 25 17.82 -16.81 7.86
CA ALA B 25 18.34 -15.53 7.33
C ALA B 25 18.00 -14.39 8.29
N GLU B 26 17.09 -14.61 9.24
CA GLU B 26 16.59 -13.55 10.15
C GLU B 26 17.75 -12.74 10.72
N PRO B 27 17.76 -11.40 10.62
CA PRO B 27 18.78 -10.60 11.27
C PRO B 27 18.63 -10.69 12.79
N PRO B 28 19.66 -10.32 13.56
CA PRO B 28 19.55 -10.29 15.02
C PRO B 28 18.74 -9.09 15.52
N ILE B 29 18.26 -9.15 16.76
CA ILE B 29 17.73 -7.97 17.50
C ILE B 29 18.91 -7.15 18.03
N LEU B 30 19.00 -5.87 17.65
CA LEU B 30 20.08 -4.95 18.05
C LEU B 30 19.64 -4.19 19.30
N TYR B 31 20.61 -3.66 20.06
CA TYR B 31 20.36 -2.89 21.30
C TYR B 31 20.54 -1.41 21.01
N SER B 32 19.75 -0.57 21.67
CA SER B 32 19.95 0.89 21.72
C SER B 32 21.24 1.20 22.51
N GLU B 33 21.81 2.40 22.31
CA GLU B 33 22.89 2.97 23.18
C GLU B 33 22.23 3.81 24.28
N TYR B 34 21.05 3.39 24.76
CA TYR B 34 20.18 4.14 25.70
C TYR B 34 20.82 4.11 27.10
N ASP B 35 20.59 5.18 27.86
CA ASP B 35 20.74 5.22 29.34
C ASP B 35 19.39 5.64 29.92
N PRO B 36 18.66 4.74 30.56
CA PRO B 36 17.34 5.12 31.07
C PRO B 36 17.42 5.76 32.45
N THR B 37 18.65 5.97 32.84
CA THR B 37 19.05 7.04 33.71
C THR B 37 18.69 8.38 33.09
N ARG B 38 18.90 8.52 31.78
CA ARG B 38 18.50 9.72 31.08
C ARG B 38 16.99 9.78 31.03
N PRO B 39 16.44 10.96 31.29
CA PRO B 39 15.19 11.44 30.69
C PRO B 39 15.40 11.86 29.26
N PHE B 40 14.31 11.96 28.54
CA PHE B 40 14.36 11.81 27.12
C PHE B 40 14.03 13.15 26.51
N SER B 41 14.78 13.53 25.49
CA SER B 41 14.54 14.76 24.81
C SER B 41 14.48 14.48 23.33
N GLU B 42 13.91 15.40 22.58
CA GLU B 42 13.69 15.17 21.17
C GLU B 42 15.00 14.95 20.44
N ALA B 43 16.03 15.70 20.75
CA ALA B 43 17.30 15.50 20.10
C ALA B 43 17.94 14.18 20.40
N SER B 44 17.88 13.79 21.66
CA SER B 44 18.48 12.53 22.20
C SER B 44 17.73 11.32 21.65
N MET B 45 16.40 11.33 21.71
CA MET B 45 15.50 10.28 21.16
C MET B 45 15.72 10.14 19.66
N MET B 46 15.75 11.25 18.92
CA MET B 46 16.09 11.27 17.46
C MET B 46 17.44 10.59 17.26
N GLY B 47 18.44 10.97 18.05
CA GLY B 47 19.82 10.44 17.96
C GLY B 47 19.82 8.93 18.10
N LEU B 48 19.13 8.40 19.12
CA LEU B 48 19.07 6.95 19.41
C LEU B 48 18.45 6.21 18.23
N LEU B 49 17.34 6.72 17.69
CA LEU B 49 16.55 6.04 16.64
C LEU B 49 17.35 6.03 15.33
N THR B 50 18.04 7.13 15.01
CA THR B 50 18.87 7.24 13.78
C THR B 50 20.03 6.25 13.87
N ASN B 51 20.74 6.21 15.00
CA ASN B 51 21.87 5.27 15.25
C ASN B 51 21.36 3.84 15.09
N LEU B 52 20.22 3.52 15.72
CA LEU B 52 19.61 2.17 15.70
C LEU B 52 19.24 1.79 14.27
N ALA B 53 18.49 2.65 13.57
CA ALA B 53 18.03 2.39 12.19
C ALA B 53 19.25 2.10 11.29
N ASP B 54 20.29 2.91 11.42
CA ASP B 54 21.52 2.84 10.61
C ASP B 54 22.21 1.48 10.81
N ARG B 55 22.25 0.97 12.04
CA ARG B 55 22.85 -0.36 12.34
C ARG B 55 21.90 -1.46 11.83
N GLU B 56 20.57 -1.31 11.99
CA GLU B 56 19.58 -2.27 11.47
C GLU B 56 19.71 -2.38 9.94
N LEU B 57 19.92 -1.24 9.26
CA LEU B 57 20.02 -1.17 7.79
C LEU B 57 21.16 -2.06 7.32
N VAL B 58 22.29 -2.06 8.01
CA VAL B 58 23.47 -2.84 7.58
C VAL B 58 23.10 -4.33 7.62
N HIS B 59 22.36 -4.77 8.66
CA HIS B 59 21.96 -6.19 8.81
C HIS B 59 20.90 -6.55 7.76
N MET B 60 20.03 -5.59 7.45
CA MET B 60 18.94 -5.80 6.46
C MET B 60 19.55 -6.05 5.08
N ILE B 61 20.53 -5.26 4.70
CA ILE B 61 21.23 -5.41 3.39
C ILE B 61 21.77 -6.85 3.28
N ASN B 62 22.32 -7.40 4.38
CA ASN B 62 22.93 -8.75 4.41
C ASN B 62 21.84 -9.82 4.50
N TRP B 63 20.76 -9.59 5.23
CA TRP B 63 19.55 -10.48 5.22
C TRP B 63 18.99 -10.62 3.78
N ALA B 64 18.88 -9.52 3.04
CA ALA B 64 18.28 -9.48 1.69
C ALA B 64 19.06 -10.44 0.77
N LYS B 65 20.38 -10.54 0.96
CA LYS B 65 21.27 -11.46 0.17
C LYS B 65 20.90 -12.92 0.45
N ARG B 66 20.32 -13.22 1.62
CA ARG B 66 19.95 -14.59 2.05
C ARG B 66 18.48 -14.89 1.71
N VAL B 67 17.76 -13.93 1.11
CA VAL B 67 16.35 -14.11 0.66
C VAL B 67 16.41 -14.82 -0.69
N PRO B 68 15.96 -16.11 -0.76
CA PRO B 68 16.07 -16.86 -2.00
C PRO B 68 15.52 -16.05 -3.18
N GLY B 69 16.33 -15.89 -4.24
CA GLY B 69 15.96 -15.20 -5.50
C GLY B 69 16.63 -13.85 -5.63
N PHE B 70 16.92 -13.19 -4.51
CA PHE B 70 17.39 -11.79 -4.47
C PHE B 70 18.77 -11.64 -5.12
N VAL B 71 19.71 -12.56 -4.87
CA VAL B 71 21.09 -12.46 -5.41
C VAL B 71 21.09 -12.73 -6.92
N ASP B 72 20.06 -13.40 -7.45
CA ASP B 72 19.90 -13.68 -8.91
C ASP B 72 19.71 -12.36 -9.67
N LEU B 73 19.20 -11.31 -9.02
CA LEU B 73 18.94 -9.99 -9.64
C LEU B 73 20.27 -9.24 -9.86
N THR B 74 20.29 -8.30 -10.80
CA THR B 74 21.45 -7.38 -11.04
C THR B 74 21.59 -6.46 -9.82
N LEU B 75 22.79 -5.94 -9.60
CA LEU B 75 23.11 -4.96 -8.52
C LEU B 75 22.13 -3.77 -8.61
N HIS B 76 21.93 -3.23 -9.82
CA HIS B 76 21.00 -2.10 -10.08
C HIS B 76 19.61 -2.41 -9.49
N ASP B 77 19.11 -3.63 -9.70
CA ASP B 77 17.75 -4.06 -9.27
C ASP B 77 17.71 -4.31 -7.76
N GLN B 78 18.79 -4.84 -7.19
CA GLN B 78 18.87 -5.12 -5.74
C GLN B 78 18.83 -3.79 -4.99
N VAL B 79 19.58 -2.79 -5.50
CA VAL B 79 19.64 -1.41 -4.95
C VAL B 79 18.22 -0.82 -4.96
N HIS B 80 17.56 -0.90 -6.12
CA HIS B 80 16.21 -0.36 -6.36
C HIS B 80 15.24 -0.96 -5.32
N LEU B 81 15.23 -2.30 -5.18
CA LEU B 81 14.27 -2.99 -4.28
C LEU B 81 14.51 -2.54 -2.84
N LEU B 82 15.77 -2.37 -2.46
CA LEU B 82 16.15 -2.00 -1.07
C LEU B 82 15.85 -0.52 -0.82
N GLU B 83 16.14 0.36 -1.78
CA GLU B 83 15.78 1.79 -1.69
C GLU B 83 14.27 1.91 -1.52
N CYS B 84 13.48 1.12 -2.26
CA CYS B 84 11.99 1.15 -2.19
C CYS B 84 11.49 0.61 -0.85
N ALA B 85 12.07 -0.46 -0.31
CA ALA B 85 11.43 -1.30 0.73
C ALA B 85 12.05 -1.13 2.12
N TRP B 86 13.17 -0.44 2.29
CA TRP B 86 13.96 -0.51 3.55
C TRP B 86 13.11 -0.08 4.76
N LEU B 87 12.30 0.98 4.65
CA LEU B 87 11.59 1.50 5.84
C LEU B 87 10.39 0.59 6.14
N GLU B 88 9.76 0.03 5.12
CA GLU B 88 8.68 -0.97 5.28
C GLU B 88 9.22 -2.16 6.07
N ILE B 89 10.44 -2.61 5.72
CA ILE B 89 11.12 -3.77 6.36
C ILE B 89 11.43 -3.41 7.83
N LEU B 90 12.03 -2.26 8.10
CA LEU B 90 12.29 -1.85 9.50
C LEU B 90 10.95 -1.87 10.26
N MET B 91 9.88 -1.39 9.64
CA MET B 91 8.61 -1.12 10.34
C MET B 91 7.86 -2.42 10.66
N ILE B 92 7.87 -3.40 9.76
CA ILE B 92 7.22 -4.72 10.01
C ILE B 92 8.05 -5.46 11.07
N GLY B 93 9.37 -5.29 11.09
CA GLY B 93 10.24 -5.84 12.14
C GLY B 93 9.86 -5.25 13.49
N LEU B 94 9.74 -3.93 13.54
CA LEU B 94 9.40 -3.18 14.77
C LEU B 94 8.05 -3.69 15.28
N VAL B 95 7.09 -3.82 14.38
CA VAL B 95 5.68 -4.20 14.68
C VAL B 95 5.68 -5.62 15.23
N TRP B 96 6.43 -6.53 14.60
CA TRP B 96 6.58 -7.96 15.02
C TRP B 96 7.15 -8.03 16.44
N ARG B 97 8.28 -7.42 16.71
CA ARG B 97 8.89 -7.37 18.02
C ARG B 97 7.97 -6.78 19.09
N SER B 98 7.12 -5.88 18.71
CA SER B 98 6.25 -5.14 19.66
C SER B 98 4.95 -5.91 19.96
N MET B 99 4.72 -7.05 19.29
CA MET B 99 3.42 -7.75 19.31
C MET B 99 2.93 -7.98 20.75
N GLU B 100 3.79 -8.57 21.58
CA GLU B 100 3.42 -9.04 22.95
C GLU B 100 3.73 -7.95 23.98
N HIS B 101 3.84 -6.69 23.55
CA HIS B 101 3.90 -5.48 24.43
C HIS B 101 2.81 -4.50 24.01
N PRO B 102 1.54 -4.81 24.37
CA PRO B 102 0.39 -3.98 24.00
C PRO B 102 0.62 -2.53 24.46
N GLY B 103 0.38 -1.55 23.58
CA GLY B 103 0.52 -0.11 23.85
C GLY B 103 1.96 0.38 23.80
N LYS B 104 2.93 -0.47 23.43
CA LYS B 104 4.38 -0.13 23.41
C LYS B 104 5.04 -0.62 22.14
N LEU B 105 6.14 0.05 21.78
CA LEU B 105 6.97 -0.27 20.59
C LEU B 105 8.38 -0.66 21.08
N LEU B 106 8.77 -1.92 20.85
CA LEU B 106 10.10 -2.48 21.24
C LEU B 106 11.09 -2.16 20.12
N PHE B 107 11.63 -0.95 20.14
CA PHE B 107 12.69 -0.51 19.19
C PHE B 107 13.92 -1.41 19.39
N ALA B 108 14.24 -1.68 20.65
CA ALA B 108 15.28 -2.64 21.10
C ALA B 108 14.86 -3.19 22.45
N PRO B 109 15.47 -4.32 22.93
CA PRO B 109 15.11 -4.86 24.24
C PRO B 109 15.29 -3.83 25.37
N ASN B 110 16.23 -2.89 25.19
CA ASN B 110 16.55 -1.83 26.18
C ASN B 110 15.91 -0.51 25.75
N LEU B 111 15.07 -0.53 24.72
CA LEU B 111 14.39 0.66 24.28
C LEU B 111 12.97 0.37 23.95
N LEU B 112 12.11 0.29 24.93
CA LEU B 112 10.74 0.05 24.66
C LEU B 112 9.86 1.22 25.06
N LEU B 113 9.18 1.83 24.08
CA LEU B 113 8.59 3.14 24.20
C LEU B 113 7.08 3.13 24.19
N ASP B 114 6.51 3.94 25.07
CA ASP B 114 5.07 4.23 25.22
C ASP B 114 4.67 5.25 24.15
N ARG B 115 3.40 5.36 23.84
CA ARG B 115 3.02 6.33 22.85
C ARG B 115 3.35 7.75 23.29
N ASN B 116 3.13 8.08 24.57
CA ASN B 116 3.40 9.46 25.06
C ASN B 116 4.87 9.85 24.81
N GLN B 117 5.79 8.88 24.81
CA GLN B 117 7.23 9.13 24.55
C GLN B 117 7.39 9.46 23.05
N GLY B 118 6.50 8.92 22.20
CA GLY B 118 6.34 9.36 20.80
C GLY B 118 6.27 10.87 20.64
N LYS B 119 5.65 11.58 21.58
CA LYS B 119 5.38 13.06 21.47
C LYS B 119 6.68 13.87 21.66
N CYS B 120 7.76 13.24 22.16
CA CYS B 120 9.09 13.86 22.37
C CYS B 120 9.63 14.45 21.06
N VAL B 121 9.28 13.84 19.93
CA VAL B 121 9.59 14.33 18.55
C VAL B 121 8.29 14.76 17.88
N GLU B 122 8.32 15.87 17.15
CA GLU B 122 7.12 16.48 16.50
C GLU B 122 6.80 15.69 15.22
N GLY B 123 5.54 15.23 15.08
CA GLY B 123 5.04 14.47 13.92
C GLY B 123 5.28 12.97 14.05
N MET B 124 5.79 12.50 15.20
CA MET B 124 6.14 11.08 15.39
C MET B 124 4.95 10.32 16.00
N VAL B 125 4.16 10.96 16.87
CA VAL B 125 3.05 10.29 17.62
C VAL B 125 2.03 9.71 16.61
N GLU B 126 1.79 10.41 15.50
CA GLU B 126 0.88 9.92 14.43
C GLU B 126 1.40 8.60 13.88
N ILE B 127 2.69 8.49 13.61
CA ILE B 127 3.32 7.25 13.05
C ILE B 127 3.32 6.15 14.12
N PHE B 128 3.72 6.49 15.35
CA PHE B 128 3.62 5.60 16.53
C PHE B 128 2.25 4.94 16.56
N ASP B 129 1.19 5.74 16.55
CA ASP B 129 -0.23 5.28 16.64
C ASP B 129 -0.53 4.29 15.51
N MET B 130 -0.08 4.58 14.30
CA MET B 130 -0.26 3.68 13.14
C MET B 130 0.48 2.36 13.41
N LEU B 131 1.69 2.45 13.94
CA LEU B 131 2.53 1.25 14.22
C LEU B 131 1.88 0.42 15.34
N LEU B 132 1.34 1.07 16.37
CA LEU B 132 0.63 0.39 17.49
C LEU B 132 -0.60 -0.34 16.94
N ALA B 133 -1.34 0.29 16.03
CA ALA B 133 -2.55 -0.26 15.39
C ALA B 133 -2.21 -1.55 14.65
N THR B 134 -1.07 -1.55 13.96
CA THR B 134 -0.57 -2.69 13.15
C THR B 134 -0.17 -3.81 14.10
N SER B 135 0.51 -3.46 15.20
CA SER B 135 0.86 -4.44 16.26
C SER B 135 -0.42 -5.08 16.82
N SER B 136 -1.45 -4.29 17.11
CA SER B 136 -2.76 -4.79 17.61
C SER B 136 -3.36 -5.77 16.60
N ARG B 137 -3.35 -5.42 15.31
CA ARG B 137 -3.89 -6.26 14.21
C ARG B 137 -3.15 -7.62 14.17
N PHE B 138 -1.81 -7.62 14.22
CA PHE B 138 -1.00 -8.86 14.20
C PHE B 138 -1.34 -9.76 15.40
N ARG B 139 -1.55 -9.16 16.57
CA ARG B 139 -1.92 -9.86 17.83
C ARG B 139 -3.30 -10.52 17.68
N MET B 140 -4.28 -9.78 17.15
CA MET B 140 -5.67 -10.26 16.91
C MET B 140 -5.64 -11.47 15.96
N MET B 141 -4.82 -11.43 14.90
CA MET B 141 -4.68 -12.49 13.89
C MET B 141 -3.80 -13.63 14.39
N ASN B 142 -3.09 -13.42 15.51
CA ASN B 142 -2.14 -14.42 16.04
C ASN B 142 -1.07 -14.69 14.95
N LEU B 143 -0.52 -13.62 14.35
CA LEU B 143 0.51 -13.78 13.29
C LEU B 143 1.63 -14.68 13.86
N GLN B 144 2.07 -15.67 13.07
CA GLN B 144 3.16 -16.61 13.44
C GLN B 144 4.49 -16.15 12.80
N GLY B 145 5.61 -16.49 13.43
CA GLY B 145 6.97 -16.22 12.95
C GLY B 145 7.19 -16.65 11.50
N GLU B 146 6.67 -17.81 11.11
CA GLU B 146 6.85 -18.35 9.73
C GLU B 146 6.08 -17.48 8.73
N GLU B 147 4.94 -16.90 9.14
CA GLU B 147 4.14 -16.01 8.27
C GLU B 147 4.88 -14.67 8.13
N PHE B 148 5.36 -14.19 9.26
CA PHE B 148 6.07 -12.90 9.37
C PHE B 148 7.26 -12.86 8.39
N VAL B 149 8.10 -13.91 8.36
CA VAL B 149 9.31 -13.94 7.50
C VAL B 149 8.86 -13.98 6.03
N CYS B 150 7.76 -14.68 5.72
CA CYS B 150 7.17 -14.68 4.37
C CYS B 150 6.75 -13.25 3.98
N LEU B 151 6.02 -12.55 4.85
CA LEU B 151 5.55 -11.15 4.58
C LEU B 151 6.74 -10.21 4.35
N LYS B 152 7.79 -10.33 5.15
CA LYS B 152 8.98 -9.45 5.05
C LYS B 152 9.67 -9.61 3.67
N SER B 153 9.81 -10.84 3.18
CA SER B 153 10.38 -11.18 1.85
C SER B 153 9.48 -10.67 0.72
N ILE B 154 8.17 -10.76 0.89
CA ILE B 154 7.18 -10.21 -0.10
C ILE B 154 7.38 -8.71 -0.20
N ILE B 155 7.56 -8.00 0.90
CA ILE B 155 7.80 -6.53 0.88
C ILE B 155 9.06 -6.22 0.07
N LEU B 156 10.14 -6.99 0.27
CA LEU B 156 11.43 -6.76 -0.41
C LEU B 156 11.23 -6.92 -1.92
N LEU B 157 10.56 -7.99 -2.34
CA LEU B 157 10.43 -8.35 -3.77
C LEU B 157 9.34 -7.52 -4.43
N ASN B 158 8.31 -7.13 -3.66
CA ASN B 158 7.09 -6.47 -4.18
C ASN B 158 7.26 -4.95 -4.31
N SER B 159 7.93 -4.29 -3.39
CA SER B 159 7.67 -2.85 -3.14
C SER B 159 8.23 -2.01 -4.29
N GLY B 160 9.29 -2.47 -4.96
CA GLY B 160 9.91 -1.73 -6.08
C GLY B 160 9.70 -2.41 -7.44
N VAL B 161 8.95 -3.51 -7.50
CA VAL B 161 8.80 -4.33 -8.75
C VAL B 161 8.08 -3.53 -9.84
N TYR B 162 7.17 -2.62 -9.47
CA TYR B 162 6.30 -1.87 -10.41
C TYR B 162 7.04 -0.65 -10.96
N THR B 163 8.14 -0.24 -10.30
CA THR B 163 9.06 0.86 -10.72
C THR B 163 10.27 0.26 -11.45
N PHE B 164 10.03 -0.79 -12.25
CA PHE B 164 11.01 -1.53 -13.10
C PHE B 164 11.92 -2.39 -12.21
N SER B 171 15.45 -6.49 -20.08
CA SER B 171 14.09 -6.98 -20.24
C SER B 171 13.30 -6.91 -18.95
N LEU B 172 12.15 -7.55 -18.99
CA LEU B 172 11.36 -7.95 -17.84
C LEU B 172 11.47 -9.45 -17.69
N GLU B 173 12.62 -9.97 -18.10
CA GLU B 173 13.17 -11.18 -17.56
C GLU B 173 13.41 -11.07 -16.08
N GLU B 174 13.86 -9.93 -15.57
CA GLU B 174 13.94 -9.79 -14.14
C GLU B 174 12.57 -9.95 -13.55
N LYS B 175 11.62 -9.23 -14.11
CA LYS B 175 10.33 -9.08 -13.49
C LYS B 175 9.61 -10.39 -13.40
N ASP B 176 9.71 -11.22 -14.42
CA ASP B 176 9.07 -12.51 -14.37
C ASP B 176 9.67 -13.44 -13.34
N HIS B 177 10.94 -13.27 -13.10
CA HIS B 177 11.63 -14.03 -12.03
C HIS B 177 11.11 -13.60 -10.64
N ILE B 178 11.08 -12.29 -10.38
CA ILE B 178 10.56 -11.68 -9.12
C ILE B 178 9.13 -12.18 -8.90
N HIS B 179 8.31 -12.17 -9.95
CA HIS B 179 6.89 -12.60 -9.87
C HIS B 179 6.83 -14.10 -9.56
N ARG B 180 7.74 -14.90 -10.11
CA ARG B 180 7.82 -16.37 -9.83
C ARG B 180 8.18 -16.60 -8.36
N VAL B 181 9.09 -15.82 -7.78
CA VAL B 181 9.50 -16.03 -6.36
C VAL B 181 8.36 -15.59 -5.44
N LEU B 182 7.68 -14.49 -5.80
CA LEU B 182 6.49 -14.02 -5.06
C LEU B 182 5.43 -15.12 -5.06
N ASP B 183 5.18 -15.74 -6.21
CA ASP B 183 4.23 -16.87 -6.35
C ASP B 183 4.65 -17.99 -5.38
N LYS B 184 5.94 -18.26 -5.28
CA LYS B 184 6.45 -19.31 -4.41
C LYS B 184 6.18 -18.98 -2.94
N ILE B 185 6.40 -17.74 -2.56
CA ILE B 185 6.17 -17.32 -1.14
C ILE B 185 4.68 -17.39 -0.84
N THR B 186 3.82 -17.08 -1.81
CA THR B 186 2.35 -17.26 -1.68
C THR B 186 2.05 -18.74 -1.39
N ASP B 187 2.62 -19.65 -2.18
CA ASP B 187 2.49 -21.13 -2.01
C ASP B 187 2.89 -21.51 -0.58
N THR B 188 3.97 -20.91 -0.08
CA THR B 188 4.56 -21.23 1.24
C THR B 188 3.60 -20.79 2.34
N LEU B 189 3.04 -19.58 2.22
CA LEU B 189 2.05 -19.04 3.19
C LEU B 189 0.83 -19.97 3.25
N ILE B 190 0.29 -20.35 2.09
CA ILE B 190 -0.88 -21.27 2.01
C ILE B 190 -0.44 -22.61 2.63
N HIS B 191 0.72 -23.13 2.24
CA HIS B 191 1.29 -24.37 2.85
C HIS B 191 1.21 -24.26 4.38
N LEU B 192 1.71 -23.17 4.95
CA LEU B 192 1.77 -22.97 6.43
C LEU B 192 0.36 -23.00 7.02
N MET B 193 -0.60 -22.34 6.36
CA MET B 193 -1.99 -22.23 6.88
C MET B 193 -2.72 -23.57 6.74
N ALA B 194 -2.41 -24.35 5.71
CA ALA B 194 -2.92 -25.73 5.51
C ALA B 194 -2.49 -26.63 6.70
N LYS B 195 -1.26 -26.47 7.21
CA LYS B 195 -0.77 -27.13 8.45
C LYS B 195 -1.34 -26.37 9.66
N ALA B 196 -1.86 -27.08 10.65
CA ALA B 196 -2.71 -26.53 11.74
C ALA B 196 -4.04 -26.01 11.15
N GLY B 197 -4.41 -26.51 9.98
CA GLY B 197 -5.76 -27.03 9.67
C GLY B 197 -6.79 -25.94 9.40
N LEU B 198 -6.38 -24.83 8.83
CA LEU B 198 -7.34 -23.82 8.28
C LEU B 198 -7.94 -24.38 6.97
N THR B 199 -9.31 -24.29 6.90
CA THR B 199 -10.09 -24.69 5.71
C THR B 199 -9.55 -23.91 4.52
N LEU B 200 -9.87 -24.35 3.30
CA LEU B 200 -9.48 -23.65 2.06
C LEU B 200 -9.99 -22.21 2.13
N GLN B 201 -11.23 -22.02 2.55
CA GLN B 201 -11.85 -20.68 2.68
C GLN B 201 -11.02 -19.83 3.65
N GLN B 202 -10.63 -20.40 4.79
CA GLN B 202 -9.88 -19.71 5.87
C GLN B 202 -8.49 -19.34 5.37
N GLN B 203 -7.87 -20.21 4.58
CA GLN B 203 -6.53 -20.01 3.98
C GLN B 203 -6.55 -18.78 3.06
N HIS B 204 -7.54 -18.66 2.17
CA HIS B 204 -7.63 -17.53 1.20
C HIS B 204 -7.98 -16.25 1.98
N GLN B 205 -8.87 -16.35 2.97
CA GLN B 205 -9.25 -15.24 3.85
C GLN B 205 -8.04 -14.69 4.62
N ARG B 206 -7.27 -15.56 5.28
CA ARG B 206 -6.08 -15.17 6.06
C ARG B 206 -5.00 -14.63 5.12
N LEU B 207 -4.78 -15.27 3.97
CA LEU B 207 -3.79 -14.79 2.95
C LEU B 207 -4.11 -13.34 2.59
N ALA B 208 -5.39 -13.03 2.36
CA ALA B 208 -5.87 -11.69 1.99
C ALA B 208 -5.66 -10.74 3.17
N GLN B 209 -6.07 -11.10 4.38
CA GLN B 209 -5.93 -10.24 5.58
C GLN B 209 -4.46 -9.87 5.74
N LEU B 210 -3.54 -10.82 5.50
CA LEU B 210 -2.09 -10.60 5.73
C LEU B 210 -1.58 -9.62 4.69
N LEU B 211 -1.98 -9.80 3.43
CA LEU B 211 -1.47 -8.98 2.30
C LEU B 211 -2.11 -7.59 2.33
N LEU B 212 -3.31 -7.46 2.86
CA LEU B 212 -3.97 -6.14 3.01
C LEU B 212 -3.22 -5.30 4.04
N ILE B 213 -2.56 -5.92 5.03
CA ILE B 213 -1.74 -5.20 6.03
C ILE B 213 -0.54 -4.54 5.32
N LEU B 214 0.00 -5.16 4.28
CA LEU B 214 1.19 -4.63 3.56
C LEU B 214 0.89 -3.26 2.97
N SER B 215 -0.37 -3.02 2.57
CA SER B 215 -0.88 -1.73 2.10
C SER B 215 -0.78 -0.69 3.25
N HIS B 216 -1.11 -1.07 4.47
CA HIS B 216 -1.01 -0.16 5.64
C HIS B 216 0.48 0.10 5.94
N ILE B 217 1.32 -0.93 5.83
CA ILE B 217 2.77 -0.79 6.06
C ILE B 217 3.34 0.16 5.00
N ARG B 218 2.89 0.06 3.75
CA ARG B 218 3.34 0.99 2.70
C ARG B 218 2.98 2.43 3.09
N HIS B 219 1.77 2.64 3.56
CA HIS B 219 1.25 3.95 4.02
C HIS B 219 2.17 4.51 5.11
N MET B 220 2.43 3.72 6.14
CA MET B 220 3.28 4.13 7.28
C MET B 220 4.67 4.50 6.77
N SER B 221 5.23 3.73 5.83
CA SER B 221 6.57 3.96 5.24
C SER B 221 6.60 5.32 4.55
N ASN B 222 5.56 5.65 3.77
CA ASN B 222 5.48 6.92 3.02
C ASN B 222 5.37 8.07 4.02
N LYS B 223 4.59 7.91 5.09
CA LYS B 223 4.46 8.93 6.16
C LYS B 223 5.81 9.09 6.87
N GLY B 224 6.48 7.98 7.18
CA GLY B 224 7.76 7.97 7.90
C GLY B 224 8.85 8.60 7.06
N MET B 225 8.82 8.37 5.75
CA MET B 225 9.77 8.94 4.77
C MET B 225 9.63 10.47 4.73
N GLU B 226 8.38 10.99 4.72
CA GLU B 226 8.07 12.44 4.79
C GLU B 226 8.60 12.99 6.12
N HIS B 227 8.44 12.22 7.20
CA HIS B 227 8.90 12.57 8.56
C HIS B 227 10.42 12.74 8.53
N LEU B 228 11.16 11.79 7.91
CA LEU B 228 12.65 11.78 7.79
C LEU B 228 13.12 12.98 6.97
N TYR B 229 12.45 13.30 5.86
CA TYR B 229 12.79 14.46 5.00
C TYR B 229 12.61 15.75 5.82
N SER B 230 11.58 15.83 6.67
CA SER B 230 11.28 17.02 7.52
C SER B 230 12.44 17.26 8.50
N MET B 231 13.00 16.19 9.08
CA MET B 231 14.05 16.27 10.13
C MET B 231 15.42 16.41 9.45
N LYS B 232 15.51 16.04 8.19
CA LYS B 232 16.67 16.34 7.38
C LYS B 232 16.83 17.85 7.24
N CYS B 233 15.83 18.50 6.69
CA CYS B 233 15.64 19.92 6.92
C CYS B 233 15.34 20.11 8.40
N LYS B 234 15.89 21.16 9.00
CA LYS B 234 16.56 21.11 10.31
C LYS B 234 17.62 20.01 10.44
N LEU B 239 21.67 12.54 11.14
CA LEU B 239 21.34 11.47 10.21
C LEU B 239 22.58 10.93 9.58
N SER B 240 22.66 9.62 9.48
CA SER B 240 23.81 8.94 8.95
C SER B 240 23.94 9.07 7.46
N ASP B 241 25.13 8.80 6.95
CA ASP B 241 25.37 8.74 5.54
C ASP B 241 24.50 7.77 4.80
N LEU B 242 24.28 6.59 5.37
CA LEU B 242 23.50 5.51 4.70
C LEU B 242 22.03 5.91 4.66
N LEU B 243 21.47 6.44 5.75
CA LEU B 243 20.05 6.89 5.83
C LEU B 243 19.79 7.99 4.79
N LEU B 244 20.72 8.94 4.65
CA LEU B 244 20.62 10.05 3.66
C LEU B 244 20.61 9.48 2.24
N GLU B 245 21.49 8.53 1.95
CA GLU B 245 21.53 7.82 0.66
C GLU B 245 20.14 7.21 0.38
N MET B 246 19.57 6.49 1.36
CA MET B 246 18.29 5.74 1.23
C MET B 246 17.13 6.74 1.12
N LEU B 247 17.20 7.84 1.86
CA LEU B 247 16.19 8.93 1.85
C LEU B 247 16.17 9.62 0.48
N ASP B 248 17.35 9.87 -0.11
CA ASP B 248 17.50 10.56 -1.43
C ASP B 248 17.01 9.67 -2.59
N ALA B 249 16.90 8.36 -2.41
CA ALA B 249 16.35 7.44 -3.44
C ALA B 249 14.82 7.57 -3.54
N HIS B 250 14.19 8.35 -2.66
CA HIS B 250 12.72 8.58 -2.59
C HIS B 250 12.40 9.99 -3.11
N ARG B 251 11.65 10.08 -4.22
CA ARG B 251 11.46 11.30 -5.07
C ARG B 251 12.79 12.07 -5.20
N LYS C 3 -18.65 19.99 6.64
CA LYS C 3 -18.06 19.14 5.57
C LYS C 3 -19.07 18.90 4.43
N ILE C 4 -18.69 19.28 3.21
CA ILE C 4 -19.38 18.88 1.96
C ILE C 4 -19.53 17.36 1.92
N LEU C 5 -18.53 16.63 2.41
CA LEU C 5 -18.54 15.15 2.43
C LEU C 5 -19.73 14.64 3.26
N HIS C 6 -20.00 15.23 4.42
CA HIS C 6 -21.18 14.90 5.27
C HIS C 6 -22.45 15.11 4.46
N ARG C 7 -22.55 16.23 3.74
CA ARG C 7 -23.78 16.59 3.01
C ARG C 7 -24.08 15.49 2.00
N LEU C 8 -23.12 15.22 1.12
CA LEU C 8 -23.26 14.28 -0.02
C LEU C 8 -23.50 12.86 0.48
N LEU C 9 -22.94 12.51 1.64
CA LEU C 9 -23.14 11.17 2.24
C LEU C 9 -24.58 11.02 2.76
N GLN C 10 -25.24 12.13 3.08
CA GLN C 10 -26.64 12.14 3.59
C GLN C 10 -27.60 12.37 2.41
N ASP C 11 -27.27 13.32 1.53
CA ASP C 11 -27.96 13.58 0.24
C ASP C 11 -27.82 12.33 -0.65
N ILE D 4 27.22 3.82 -0.67
CA ILE D 4 27.28 3.01 0.59
C ILE D 4 26.47 1.73 0.40
N LEU D 5 25.21 1.83 -0.02
CA LEU D 5 24.30 0.67 -0.28
C LEU D 5 24.92 -0.20 -1.37
N HIS D 6 25.32 0.43 -2.48
CA HIS D 6 26.06 -0.18 -3.63
C HIS D 6 27.23 -1.02 -3.09
N ARG D 7 28.08 -0.39 -2.27
CA ARG D 7 29.26 -1.01 -1.62
C ARG D 7 28.79 -2.24 -0.83
N LEU D 8 28.11 -2.00 0.30
CA LEU D 8 27.58 -3.04 1.21
C LEU D 8 26.96 -4.19 0.38
N LEU D 9 26.28 -3.87 -0.73
CA LEU D 9 25.71 -4.88 -1.65
C LEU D 9 26.83 -5.47 -2.51
#